data_6SV2
#
_entry.id   6SV2
#
_cell.length_a   128.076
_cell.length_b   128.076
_cell.length_c   135.642
_cell.angle_alpha   90.000
_cell.angle_beta   90.000
_cell.angle_gamma   120.000
#
_symmetry.space_group_name_H-M   'P 63 2 2'
#
loop_
_entity.id
_entity.type
_entity.pdbx_description
1 polymer 'ICSM 18-ANTI-PRP THERAPEUTIC FAB LIGHT CHAIN'
2 polymer 'ICSM 18-ANTI-PRP THERAPEUTIC FAB HEAVY CHAIN'
3 polymer 'Major prion protein'
4 non-polymer 'SULFATE ION'
5 water water
#
loop_
_entity_poly.entity_id
_entity_poly.type
_entity_poly.pdbx_seq_one_letter_code
_entity_poly.pdbx_strand_id
1 'polypeptide(L)'
;QIVLTQSPAIMSASPGEKVTMTCSASSSVSYMHWYQQKSGTSPKRWIYDTSKLASGVPARFSGSGSGTSYSLTISSMEAE
DAATYFCHQWRSNPYTFGGGTKLEIKRADAAPTVSIFPPSSEQLTGGGASVVCFLNNFYPKDINVKWKIDGSERQNGVLN
SWTDQDSKDSTYSMSSTLTLTKDEYERHNSYTCEATHKTSTSPIVKSFNRNE
;
L
2 'polypeptide(L)'
;EVQLQQSGPELVKPGSSVKISCKASRNTFTDYNLDWVKQSHGKTLEWIGNVYPNNGVTGYNQKFRGKATLTVDKSSSTAY
MELHSLTSEDSAVYYCALYYYDVSYWGQGTLVTVSSAKTTPPSVYPLAPGSAAQTNSVTLGCLVKGYFPEPVTVTWNSGS
LSSGVHTFPAVLQSDLYTLSSSVTVPSSTWPSQSVTCNVAHPASSTAVDKKIAPA
;
H
3 'polypeptide(L)'
;GAVVGGLGVYMLGSAMSRPIIHFGSDYEDRYYRENMHRYPNQVYYRPMDEYSNQNNFVHDCVNITIKQHTVTTTTKGENF
TETDVKMMERVVEQMCITQYERESQAYYQRGSS
;
A
#
loop_
_chem_comp.id
_chem_comp.type
_chem_comp.name
_chem_comp.formula
SO4 non-polymer 'SULFATE ION' 'O4 S -2'
#
# COMPACT_ATOMS: atom_id res chain seq x y z
N GLN A 1 7.70 -19.86 -6.38
CA GLN A 1 8.00 -18.58 -5.70
C GLN A 1 9.07 -17.94 -6.53
N ILE A 2 8.67 -17.35 -7.63
CA ILE A 2 9.55 -16.54 -8.42
C ILE A 2 10.05 -15.38 -7.57
N VAL A 3 11.35 -15.29 -7.36
CA VAL A 3 11.92 -14.23 -6.56
C VAL A 3 12.18 -12.98 -7.44
N LEU A 4 11.75 -11.79 -7.01
CA LEU A 4 12.02 -10.56 -7.78
C LEU A 4 13.03 -9.67 -7.07
N THR A 5 14.08 -9.33 -7.79
CA THR A 5 15.12 -8.55 -7.25
C THR A 5 15.23 -7.19 -7.99
N GLN A 6 15.17 -6.11 -7.22
CA GLN A 6 15.17 -4.77 -7.81
C GLN A 6 16.44 -4.08 -7.47
N SER A 7 17.04 -3.46 -8.49
CA SER A 7 18.17 -2.58 -8.23
C SER A 7 18.07 -1.25 -9.06
N PRO A 8 18.70 -0.21 -8.56
CA PRO A 8 19.31 -0.27 -7.25
C PRO A 8 18.23 -0.23 -6.18
N ALA A 9 18.62 -0.35 -4.93
CA ALA A 9 17.66 -0.27 -3.81
C ALA A 9 17.34 1.21 -3.45
N ILE A 10 18.35 2.09 -3.47
CA ILE A 10 18.21 3.56 -3.35
C ILE A 10 18.87 4.21 -4.55
N MET A 11 18.21 5.24 -5.08
CA MET A 11 18.78 5.98 -6.19
C MET A 11 18.39 7.45 -6.06
N SER A 12 19.35 8.32 -6.36
CA SER A 12 19.19 9.80 -6.42
C SER A 12 19.37 10.24 -7.84
N ALA A 13 18.50 11.13 -8.31
CA ALA A 13 18.67 11.69 -9.64
C ALA A 13 18.39 13.20 -9.74
N SER A 14 19.03 13.85 -10.69
CA SER A 14 18.80 15.31 -10.86
C SER A 14 17.58 15.56 -11.70
N PRO A 15 16.92 16.74 -11.49
CA PRO A 15 15.74 17.06 -12.29
C PRO A 15 16.15 17.00 -13.73
N GLY A 16 15.26 16.55 -14.60
CA GLY A 16 15.63 16.41 -15.98
C GLY A 16 16.35 15.12 -16.38
N GLU A 17 16.92 14.36 -15.44
CA GLU A 17 17.76 13.16 -15.81
C GLU A 17 16.94 11.95 -16.25
N LYS A 18 17.54 11.14 -17.11
CA LYS A 18 16.94 9.87 -17.51
C LYS A 18 17.25 8.85 -16.40
N VAL A 19 16.23 8.21 -15.84
CA VAL A 19 16.42 7.26 -14.74
C VAL A 19 15.85 5.93 -15.18
N THR A 20 16.58 4.88 -14.84
CA THR A 20 16.18 3.51 -15.15
C THR A 20 16.37 2.63 -13.93
N MET A 21 15.40 1.79 -13.64
CA MET A 21 15.55 0.89 -12.53
C MET A 21 15.16 -0.48 -13.05
N THR A 22 15.76 -1.54 -12.48
CA THR A 22 15.56 -2.86 -13.02
C THR A 22 14.94 -3.81 -12.04
N CYS A 23 14.15 -4.71 -12.57
CA CYS A 23 13.56 -5.77 -11.81
C CYS A 23 13.93 -7.07 -12.52
N SER A 24 14.48 -7.98 -11.76
CA SER A 24 15.01 -9.20 -12.33
C SER A 24 14.31 -10.40 -11.70
N ALA A 25 13.87 -11.37 -12.50
CA ALA A 25 13.14 -12.52 -12.01
C ALA A 25 14.04 -13.77 -11.98
N SER A 26 13.95 -14.55 -10.91
CA SER A 26 14.68 -15.86 -10.91
C SER A 26 14.20 -16.85 -11.99
N SER A 27 12.97 -16.68 -12.52
CA SER A 27 12.54 -17.41 -13.71
C SER A 27 11.70 -16.53 -14.54
N SER A 28 11.42 -17.02 -15.73
CA SER A 28 10.71 -16.33 -16.77
C SER A 28 9.32 -15.94 -16.36
N VAL A 29 8.93 -14.67 -16.58
CA VAL A 29 7.54 -14.26 -16.48
C VAL A 29 7.12 -13.74 -17.83
N SER A 30 5.83 -13.78 -18.14
CA SER A 30 5.34 -13.23 -19.41
C SER A 30 5.18 -11.76 -19.33
N TYR A 31 4.72 -11.25 -18.18
CA TYR A 31 4.45 -9.83 -18.06
C TYR A 31 4.93 -9.36 -16.74
N MET A 32 5.26 -8.07 -16.64
CA MET A 32 5.59 -7.48 -15.33
C MET A 32 4.69 -6.30 -15.06
N HIS A 33 4.43 -6.04 -13.78
CA HIS A 33 3.64 -4.89 -13.35
C HIS A 33 4.49 -4.13 -12.39
N TRP A 34 4.26 -2.82 -12.37
CA TRP A 34 4.98 -1.91 -11.48
C TRP A 34 4.01 -1.02 -10.66
N TYR A 35 4.34 -0.79 -9.37
CA TYR A 35 3.53 0.04 -8.51
C TYR A 35 4.35 1.20 -8.00
N GLN A 36 3.69 2.33 -7.79
CA GLN A 36 4.29 3.46 -7.12
C GLN A 36 3.68 3.58 -5.77
N GLN A 37 4.48 3.84 -4.75
CA GLN A 37 3.96 4.15 -3.42
C GLN A 37 4.70 5.36 -2.80
N LYS A 38 3.99 6.43 -2.52
CA LYS A 38 4.59 7.56 -1.84
C LYS A 38 4.33 7.40 -0.37
N SER A 39 4.96 8.23 0.45
CA SER A 39 4.76 8.23 1.92
C SER A 39 3.33 8.50 2.36
N GLY A 40 2.75 7.53 3.06
CA GLY A 40 1.40 7.71 3.65
C GLY A 40 0.34 6.98 2.83
N THR A 41 0.57 6.87 1.51
CA THR A 41 -0.43 6.37 0.57
C THR A 41 -0.29 4.85 0.35
N SER A 42 -1.28 4.31 -0.33
CA SER A 42 -1.25 2.93 -0.68
C SER A 42 -0.65 2.84 -2.04
N PRO A 43 -0.03 1.69 -2.36
CA PRO A 43 0.48 1.46 -3.67
C PRO A 43 -0.58 1.70 -4.72
N LYS A 44 -0.12 2.06 -5.91
CA LYS A 44 -0.98 2.32 -7.04
C LYS A 44 -0.32 1.71 -8.28
N ARG A 45 -1.09 1.01 -9.11
CA ARG A 45 -0.54 0.43 -10.31
C ARG A 45 -0.11 1.53 -11.25
N TRP A 46 1.16 1.44 -11.68
CA TRP A 46 1.82 2.46 -12.52
C TRP A 46 1.99 1.99 -13.97
N ILE A 47 2.48 0.78 -14.17
CA ILE A 47 2.60 0.14 -15.49
C ILE A 47 2.12 -1.27 -15.33
N TYR A 48 1.36 -1.74 -16.27
CA TYR A 48 0.81 -3.10 -16.21
C TYR A 48 1.09 -3.69 -17.59
N ASP A 49 1.10 -5.02 -17.64
CA ASP A 49 1.38 -5.77 -18.86
C ASP A 49 2.66 -5.29 -19.54
N THR A 50 3.66 -5.05 -18.69
CA THR A 50 5.05 -4.77 -19.05
C THR A 50 5.27 -3.32 -19.47
N SER A 51 4.48 -2.80 -20.42
CA SER A 51 4.69 -1.48 -20.99
C SER A 51 3.46 -0.52 -21.07
N LYS A 52 2.33 -0.88 -20.49
CA LYS A 52 1.13 -0.04 -20.54
C LYS A 52 1.01 0.84 -19.32
N LEU A 53 0.74 2.13 -19.54
CA LEU A 53 0.68 3.07 -18.40
C LEU A 53 -0.72 3.02 -17.82
N ALA A 54 -0.82 2.91 -16.51
CA ALA A 54 -2.13 3.05 -15.86
C ALA A 54 -2.59 4.51 -16.03
N SER A 55 -3.91 4.70 -15.92
CA SER A 55 -4.57 5.97 -15.81
C SER A 55 -3.88 7.00 -14.90
N GLY A 56 -3.67 8.19 -15.43
CA GLY A 56 -3.14 9.28 -14.65
C GLY A 56 -1.66 9.20 -14.41
N VAL A 57 -1.01 8.25 -15.09
CA VAL A 57 0.43 8.08 -15.00
C VAL A 57 1.03 8.96 -16.12
N PRO A 58 2.01 9.80 -15.75
CA PRO A 58 2.56 10.71 -16.76
C PRO A 58 3.26 9.98 -17.92
N ALA A 59 3.27 10.57 -19.10
CA ALA A 59 3.86 10.00 -20.33
C ALA A 59 5.36 9.70 -20.26
N ARG A 60 6.09 10.38 -19.39
CA ARG A 60 7.53 10.27 -19.32
C ARG A 60 7.97 8.90 -18.78
N PHE A 61 7.02 8.12 -18.31
CA PHE A 61 7.25 6.75 -17.86
C PHE A 61 7.11 5.74 -18.97
N SER A 62 7.93 4.72 -18.87
CA SER A 62 7.82 3.61 -19.79
C SER A 62 8.39 2.37 -19.14
N GLY A 63 7.94 1.23 -19.65
CA GLY A 63 8.36 -0.07 -19.17
C GLY A 63 8.77 -0.93 -20.34
N SER A 64 9.71 -1.84 -20.11
CA SER A 64 9.96 -2.92 -21.10
C SER A 64 10.66 -4.04 -20.41
N GLY A 65 10.89 -5.12 -21.16
CA GLY A 65 11.61 -6.26 -20.66
C GLY A 65 11.00 -7.50 -21.26
N SER A 66 11.67 -8.62 -21.03
CA SER A 66 11.25 -9.98 -21.45
C SER A 66 11.95 -11.00 -20.59
N GLY A 67 11.37 -12.19 -20.54
CA GLY A 67 11.97 -13.29 -19.79
C GLY A 67 12.16 -12.95 -18.34
N THR A 68 13.41 -12.69 -17.94
CA THR A 68 13.79 -12.45 -16.55
C THR A 68 14.29 -11.03 -16.25
N SER A 69 14.25 -10.11 -17.24
CA SER A 69 14.80 -8.77 -17.04
CA SER A 69 14.83 -8.76 -17.09
C SER A 69 13.85 -7.70 -17.53
N TYR A 70 13.46 -6.88 -16.59
CA TYR A 70 12.46 -5.87 -16.84
C TYR A 70 12.92 -4.61 -16.23
N SER A 71 12.58 -3.52 -16.90
CA SER A 71 12.99 -2.20 -16.43
C SER A 71 11.85 -1.18 -16.52
N LEU A 72 11.94 -0.15 -15.67
CA LEU A 72 11.07 1.00 -15.66
C LEU A 72 11.95 2.22 -15.90
N THR A 73 11.57 3.05 -16.90
CA THR A 73 12.36 4.23 -17.25
C THR A 73 11.55 5.52 -17.05
N ILE A 74 12.21 6.58 -16.62
CA ILE A 74 11.61 7.91 -16.61
C ILE A 74 12.50 8.73 -17.49
N SER A 75 11.95 9.25 -18.58
CA SER A 75 12.81 9.95 -19.53
C SER A 75 13.31 11.26 -18.95
N SER A 76 12.48 11.94 -18.15
CA SER A 76 12.88 13.16 -17.49
C SER A 76 12.39 13.23 -16.01
N MET A 77 13.30 13.00 -15.05
CA MET A 77 13.02 12.97 -13.60
C MET A 77 12.38 14.25 -13.09
N GLU A 78 11.21 14.15 -12.44
CA GLU A 78 10.64 15.36 -11.82
C GLU A 78 10.48 15.15 -10.33
N ALA A 79 10.34 16.22 -9.60
CA ALA A 79 10.21 16.17 -8.16
C ALA A 79 9.04 15.29 -7.71
N GLU A 80 7.94 15.29 -8.45
CA GLU A 80 6.76 14.51 -8.11
C GLU A 80 7.04 13.01 -8.13
N ASP A 81 8.04 12.60 -8.90
CA ASP A 81 8.33 11.20 -9.09
C ASP A 81 9.13 10.54 -7.97
N ALA A 82 9.67 11.34 -7.06
CA ALA A 82 10.32 10.84 -5.86
C ALA A 82 9.38 9.94 -5.12
N ALA A 83 9.75 8.67 -4.99
CA ALA A 83 8.86 7.70 -4.36
C ALA A 83 9.51 6.31 -4.37
N THR A 84 8.80 5.30 -3.88
CA THR A 84 9.23 3.91 -4.00
C THR A 84 8.47 3.13 -5.09
N TYR A 85 9.17 2.42 -5.95
CA TYR A 85 8.56 1.68 -7.08
C TYR A 85 8.77 0.23 -6.83
N PHE A 86 7.74 -0.58 -6.98
CA PHE A 86 7.81 -2.03 -6.83
C PHE A 86 7.48 -2.76 -8.07
N CYS A 87 8.14 -3.89 -8.35
CA CYS A 87 7.62 -4.73 -9.44
C CYS A 87 6.86 -5.86 -8.85
N HIS A 88 6.08 -6.54 -9.71
CA HIS A 88 5.14 -7.63 -9.22
C HIS A 88 4.82 -8.54 -10.39
N GLN A 89 4.77 -9.81 -10.12
CA GLN A 89 4.43 -10.81 -11.11
C GLN A 89 3.25 -11.71 -10.76
N TRP A 90 2.49 -12.05 -11.79
CA TRP A 90 1.36 -12.94 -11.71
C TRP A 90 1.58 -14.24 -12.52
N ARG A 91 2.81 -14.70 -12.64
CA ARG A 91 3.11 -15.90 -13.42
C ARG A 91 2.74 -17.15 -12.70
N SER A 92 2.94 -17.19 -11.39
CA SER A 92 2.54 -18.34 -10.64
C SER A 92 2.36 -18.01 -9.22
N ASN A 93 1.62 -18.92 -8.58
CA ASN A 93 1.29 -18.82 -7.20
C ASN A 93 2.53 -19.29 -6.40
N PRO A 94 3.00 -18.52 -5.43
CA PRO A 94 2.52 -17.27 -4.90
C PRO A 94 2.97 -16.07 -5.71
N TYR A 95 2.07 -15.12 -5.91
CA TYR A 95 2.41 -13.90 -6.60
C TYR A 95 3.28 -13.07 -5.67
N THR A 96 4.36 -12.52 -6.22
CA THR A 96 5.42 -11.92 -5.40
C THR A 96 5.65 -10.52 -5.83
N PHE A 97 6.21 -9.73 -4.92
CA PHE A 97 6.66 -8.39 -5.24
C PHE A 97 8.14 -8.28 -5.08
N GLY A 98 8.74 -7.34 -5.81
CA GLY A 98 10.12 -7.01 -5.52
C GLY A 98 10.28 -6.18 -4.26
N GLY A 99 11.50 -5.97 -3.83
CA GLY A 99 11.74 -5.27 -2.58
C GLY A 99 11.76 -3.74 -2.68
N GLY A 100 11.45 -3.19 -3.87
CA GLY A 100 11.40 -1.76 -4.10
C GLY A 100 12.70 -1.06 -4.45
N THR A 101 12.61 -0.10 -5.37
CA THR A 101 13.64 0.93 -5.55
C THR A 101 13.15 2.26 -4.98
N LYS A 102 13.90 2.86 -4.05
CA LYS A 102 13.54 4.17 -3.50
C LYS A 102 14.22 5.28 -4.31
N LEU A 103 13.41 6.08 -5.01
CA LEU A 103 13.95 7.13 -5.88
C LEU A 103 13.85 8.48 -5.17
N GLU A 104 14.98 9.18 -5.05
CA GLU A 104 15.02 10.54 -4.47
C GLU A 104 15.54 11.48 -5.50
N ILE A 105 15.29 12.78 -5.34
CA ILE A 105 15.70 13.80 -6.33
C ILE A 105 16.80 14.70 -5.73
N LYS A 106 17.87 15.00 -6.47
CA LYS A 106 18.86 15.97 -6.00
C LYS A 106 18.32 17.41 -6.11
N ARG A 107 18.51 18.22 -5.08
CA ARG A 107 18.25 19.65 -5.23
C ARG A 107 19.39 20.50 -4.65
N ALA A 108 19.40 21.79 -5.02
CA ALA A 108 20.32 22.75 -4.46
C ALA A 108 20.07 22.77 -2.95
N ASP A 109 21.16 22.84 -2.19
CA ASP A 109 21.13 22.71 -0.73
C ASP A 109 20.34 23.81 -0.06
N ALA A 110 19.60 23.48 0.99
CA ALA A 110 18.83 24.51 1.72
C ALA A 110 18.99 24.33 3.22
N ALA A 111 18.99 25.46 3.92
CA ALA A 111 19.17 25.47 5.38
C ALA A 111 17.83 25.36 6.08
N PRO A 112 17.80 24.79 7.28
CA PRO A 112 16.55 24.55 7.93
C PRO A 112 16.05 25.81 8.59
N THR A 113 14.74 25.93 8.71
CA THR A 113 14.10 26.99 9.47
C THR A 113 13.76 26.41 10.83
N VAL A 114 14.33 26.98 11.90
CA VAL A 114 14.24 26.35 13.24
C VAL A 114 13.31 27.08 14.21
N SER A 115 12.45 26.32 14.90
CA SER A 115 11.50 26.88 15.85
C SER A 115 11.50 26.05 17.12
N ILE A 116 11.60 26.72 18.27
CA ILE A 116 11.51 26.00 19.53
C ILE A 116 10.24 26.43 20.24
N PHE A 117 9.57 25.53 20.95
CA PHE A 117 8.34 25.85 21.71
C PHE A 117 8.41 25.38 23.17
N PRO A 118 7.97 26.22 24.12
CA PRO A 118 8.00 25.75 25.50
C PRO A 118 6.85 24.80 25.77
N PRO A 119 6.86 24.11 26.91
CA PRO A 119 5.72 23.27 27.23
C PRO A 119 4.46 24.11 27.36
N SER A 120 3.32 23.62 26.89
CA SER A 120 2.07 24.33 27.17
C SER A 120 1.72 24.24 28.68
N SER A 121 0.91 25.20 29.13
CA SER A 121 0.41 25.26 30.53
C SER A 121 -0.51 24.06 30.89
N GLU A 122 -1.14 23.45 29.88
CA GLU A 122 -1.89 22.20 30.08
C GLU A 122 -0.94 21.09 30.56
N GLN A 123 0.23 21.01 29.93
CA GLN A 123 1.12 19.88 30.16
C GLN A 123 1.70 19.96 31.54
N LEU A 124 2.21 21.13 31.88
CA LEU A 124 2.71 21.40 33.21
C LEU A 124 1.64 21.15 34.25
N THR A 125 0.40 21.57 33.97
CA THR A 125 -0.74 21.35 34.90
C THR A 125 -0.90 19.86 35.28
N GLY A 126 -0.69 18.95 34.32
CA GLY A 126 -0.87 17.52 34.53
C GLY A 126 0.37 16.72 34.20
N GLY A 127 1.34 16.72 35.11
CA GLY A 127 2.50 15.85 35.03
C GLY A 127 3.83 16.47 34.61
N GLY A 128 4.04 16.59 33.29
CA GLY A 128 5.37 16.82 32.73
C GLY A 128 5.59 18.05 31.85
N ALA A 129 6.67 18.00 31.09
CA ALA A 129 7.18 19.18 30.44
C ALA A 129 7.97 18.79 29.22
N SER A 130 7.32 18.90 28.06
CA SER A 130 7.93 18.57 26.78
C SER A 130 8.27 19.82 26.05
N VAL A 131 9.54 19.99 25.74
CA VAL A 131 10.00 21.12 24.99
C VAL A 131 10.30 20.56 23.62
N VAL A 132 9.70 21.19 22.59
CA VAL A 132 9.71 20.71 21.19
C VAL A 132 10.42 21.67 20.27
N CYS A 133 11.26 21.10 19.43
CA CYS A 133 12.01 21.83 18.43
C CYS A 133 11.65 21.30 17.03
N PHE A 134 11.18 22.20 16.14
CA PHE A 134 10.99 21.88 14.72
C PHE A 134 12.16 22.39 13.89
N LEU A 135 12.50 21.64 12.83
CA LEU A 135 13.65 21.96 11.97
C LEU A 135 13.31 21.72 10.48
N ASN A 136 12.88 22.77 9.79
CA ASN A 136 12.07 22.55 8.59
C ASN A 136 12.63 22.97 7.28
N ASN A 137 12.17 22.24 6.27
CA ASN A 137 12.48 22.50 4.89
C ASN A 137 13.95 22.60 4.55
N PHE A 138 14.74 21.61 5.01
CA PHE A 138 16.19 21.57 4.74
C PHE A 138 16.55 20.50 3.72
N TYR A 139 17.73 20.67 3.12
CA TYR A 139 18.34 19.68 2.24
C TYR A 139 19.83 19.88 2.40
N PRO A 140 20.60 18.76 2.50
CA PRO A 140 20.19 17.35 2.45
C PRO A 140 19.78 16.77 3.81
N LYS A 141 19.39 15.49 3.80
CA LYS A 141 18.78 14.83 4.97
C LYS A 141 19.64 14.85 6.26
N ASP A 142 20.96 14.78 6.09
CA ASP A 142 21.89 14.63 7.22
C ASP A 142 21.90 15.87 8.12
N ILE A 143 21.25 15.77 9.27
CA ILE A 143 21.21 16.86 10.26
C ILE A 143 21.61 16.27 11.61
N ASN A 144 21.74 17.08 12.64
CA ASN A 144 22.07 16.56 13.93
C ASN A 144 21.66 17.50 15.04
N VAL A 145 21.06 16.97 16.09
CA VAL A 145 20.41 17.81 17.09
C VAL A 145 20.92 17.57 18.51
N LYS A 146 21.29 18.67 19.17
CA LYS A 146 21.69 18.65 20.57
C LYS A 146 20.82 19.66 21.32
N TRP A 147 20.29 19.22 22.46
CA TRP A 147 19.69 20.11 23.44
C TRP A 147 20.70 20.55 24.54
N LYS A 148 20.51 21.76 25.03
CA LYS A 148 21.19 22.28 26.20
C LYS A 148 20.11 22.80 27.14
N ILE A 149 20.20 22.36 28.38
CA ILE A 149 19.44 22.95 29.46
C ILE A 149 20.48 23.67 30.32
N ASP A 150 20.50 25.00 30.26
CA ASP A 150 21.52 25.83 30.97
C ASP A 150 22.98 25.39 30.69
N GLY A 151 23.32 25.00 29.47
CA GLY A 151 24.73 24.77 29.08
C GLY A 151 25.26 23.34 29.28
N SER A 152 24.27 22.45 29.59
CA SER A 152 24.51 21.01 29.76
C SER A 152 23.75 20.24 28.71
N GLU A 153 24.43 19.32 28.03
CA GLU A 153 23.81 18.43 27.05
C GLU A 153 22.90 17.40 27.76
N ARG A 154 21.97 16.84 26.99
CA ARG A 154 21.03 15.80 27.44
C ARG A 154 20.75 14.90 26.26
N GLN A 155 21.08 13.61 26.37
CA GLN A 155 20.81 12.66 25.26
C GLN A 155 19.57 11.81 25.56
N ASN A 156 19.48 11.33 26.79
CA ASN A 156 18.31 10.54 27.25
C ASN A 156 17.01 11.36 27.48
N GLY A 157 15.98 11.08 26.70
CA GLY A 157 14.65 11.71 26.89
C GLY A 157 14.22 12.56 25.72
N VAL A 158 14.59 12.10 24.53
CA VAL A 158 14.64 12.91 23.35
C VAL A 158 14.12 12.05 22.19
N LEU A 159 12.97 12.39 21.63
CA LEU A 159 12.42 11.65 20.50
C LEU A 159 12.54 12.48 19.26
N ASN A 160 13.24 11.93 18.28
CA ASN A 160 13.38 12.51 16.96
C ASN A 160 12.51 11.76 15.96
N SER A 161 12.10 12.47 14.90
CA SER A 161 11.29 11.90 13.80
C SER A 161 11.42 12.75 12.54
N TRP A 162 11.73 12.11 11.42
CA TRP A 162 11.96 12.77 10.13
C TRP A 162 10.81 12.53 9.15
N THR A 163 10.54 13.48 8.29
CA THR A 163 9.64 13.21 7.17
C THR A 163 10.42 12.66 5.98
N ASP A 164 9.71 12.29 4.93
CA ASP A 164 10.39 11.79 3.76
C ASP A 164 10.47 12.99 2.87
N GLN A 165 11.00 12.82 1.67
CA GLN A 165 11.30 13.98 0.82
C GLN A 165 10.03 14.61 0.29
N ASP A 166 9.89 15.92 0.44
CA ASP A 166 8.70 16.64 -0.08
C ASP A 166 8.59 16.62 -1.62
N SER A 167 7.42 16.28 -2.14
CA SER A 167 7.08 16.23 -3.59
C SER A 167 7.07 17.56 -4.33
N LYS A 168 6.88 18.65 -3.57
CA LYS A 168 6.82 19.98 -4.16
C LYS A 168 8.24 20.59 -4.22
N ASP A 169 8.92 20.70 -3.08
CA ASP A 169 10.18 21.41 -3.01
C ASP A 169 11.37 20.53 -2.64
N SER A 170 11.10 19.24 -2.44
CA SER A 170 12.11 18.21 -2.31
C SER A 170 12.94 18.39 -1.07
N THR A 171 12.42 19.13 -0.10
CA THR A 171 13.09 19.28 1.17
C THR A 171 12.68 18.18 2.14
N TYR A 172 13.41 18.14 3.26
CA TYR A 172 13.23 17.22 4.38
C TYR A 172 12.88 18.01 5.63
N SER A 173 12.28 17.35 6.60
CA SER A 173 11.93 18.03 7.86
C SER A 173 12.04 17.04 9.04
N MET A 174 12.47 17.57 10.21
CA MET A 174 12.68 16.82 11.45
C MET A 174 12.00 17.52 12.63
N SER A 175 11.45 16.74 13.57
CA SER A 175 11.12 17.25 14.89
C SER A 175 11.91 16.52 15.95
N SER A 176 12.42 17.29 16.90
CA SER A 176 13.09 16.74 18.08
C SER A 176 12.31 17.21 19.32
N THR A 177 11.87 16.26 20.13
CA THR A 177 11.11 16.56 21.33
C THR A 177 11.88 16.13 22.55
N LEU A 178 12.29 17.10 23.39
CA LEU A 178 12.96 16.81 24.69
C LEU A 178 11.93 16.76 25.78
N THR A 179 11.81 15.63 26.44
CA THR A 179 10.76 15.59 27.43
C THR A 179 11.31 15.40 28.86
N LEU A 180 10.76 16.22 29.74
CA LEU A 180 11.22 16.34 31.11
C LEU A 180 10.05 16.35 32.05
N THR A 181 10.37 16.11 33.31
CA THR A 181 9.43 16.16 34.39
C THR A 181 9.29 17.63 34.74
N LYS A 182 8.08 18.03 35.14
CA LYS A 182 7.81 19.38 35.62
C LYS A 182 8.92 19.90 36.54
N ASP A 183 9.30 19.06 37.49
CA ASP A 183 10.25 19.41 38.56
C ASP A 183 11.59 19.83 37.98
N GLU A 184 12.15 18.97 37.14
CA GLU A 184 13.41 19.24 36.46
C GLU A 184 13.30 20.47 35.52
N TYR A 185 12.12 20.70 34.94
CA TYR A 185 11.87 21.87 34.07
C TYR A 185 11.86 23.23 34.84
N GLU A 186 11.16 23.26 35.98
CA GLU A 186 11.15 24.44 36.84
C GLU A 186 12.38 24.52 37.78
N ARG A 187 13.41 23.71 37.53
CA ARG A 187 14.69 23.79 38.27
C ARG A 187 15.78 24.45 37.42
N HIS A 188 15.44 24.79 36.18
CA HIS A 188 16.38 25.32 35.21
C HIS A 188 15.72 26.48 34.47
N ASN A 189 16.46 27.13 33.58
CA ASN A 189 16.09 28.44 33.01
C ASN A 189 16.17 28.54 31.49
N SER A 190 17.33 28.20 30.92
CA SER A 190 17.61 28.43 29.51
C SER A 190 17.60 27.12 28.68
N TYR A 191 16.80 27.13 27.60
CA TYR A 191 16.51 25.90 26.84
C TYR A 191 16.87 26.07 25.36
N THR A 192 17.95 25.40 24.95
CA THR A 192 18.51 25.57 23.60
C THR A 192 18.38 24.29 22.82
N CYS A 193 17.87 24.42 21.59
CA CYS A 193 17.88 23.37 20.59
C CYS A 193 18.96 23.79 19.62
N GLU A 194 19.75 22.82 19.13
CA GLU A 194 20.97 23.16 18.36
C GLU A 194 21.32 22.11 17.29
N ALA A 195 21.33 22.56 16.02
CA ALA A 195 21.48 21.70 14.84
C ALA A 195 22.78 21.91 14.06
N THR A 196 23.38 20.81 13.60
CA THR A 196 24.55 20.85 12.73
C THR A 196 24.12 20.47 11.32
N HIS A 197 24.72 21.13 10.30
CA HIS A 197 24.23 21.01 8.92
CA HIS A 197 24.25 20.98 8.91
C HIS A 197 25.22 21.56 7.88
N LYS A 198 25.32 20.89 6.73
CA LYS A 198 26.24 21.27 5.63
C LYS A 198 26.23 22.76 5.24
N THR A 199 25.03 23.31 5.10
CA THR A 199 24.77 24.71 4.69
C THR A 199 25.56 25.76 5.48
N SER A 200 25.35 25.81 6.79
CA SER A 200 26.13 26.67 7.69
C SER A 200 27.38 25.95 8.16
N THR A 201 28.46 26.69 8.32
CA THR A 201 29.71 26.17 8.90
C THR A 201 29.80 26.52 10.40
N SER A 202 28.63 26.60 11.05
CA SER A 202 28.52 26.94 12.48
C SER A 202 27.08 26.70 12.95
N PRO A 203 26.90 26.16 14.17
CA PRO A 203 25.62 25.65 14.71
C PRO A 203 24.40 26.59 14.59
N ILE A 204 23.21 26.02 14.40
CA ILE A 204 21.99 26.82 14.33
C ILE A 204 21.23 26.80 15.69
N VAL A 205 21.28 27.93 16.39
CA VAL A 205 20.85 28.02 17.77
C VAL A 205 19.47 28.69 17.92
N LYS A 206 18.60 28.05 18.68
CA LYS A 206 17.30 28.61 19.05
C LYS A 206 17.03 28.28 20.51
N SER A 207 16.71 29.29 21.31
CA SER A 207 16.62 29.15 22.76
C SER A 207 15.43 29.91 23.32
N PHE A 208 15.11 29.65 24.58
CA PHE A 208 14.20 30.50 25.33
C PHE A 208 14.57 30.50 26.81
N ASN A 209 14.11 31.52 27.53
CA ASN A 209 14.18 31.57 28.99
C ASN A 209 12.81 31.17 29.54
N ARG A 210 12.76 30.72 30.79
CA ARG A 210 11.52 30.21 31.37
C ARG A 210 10.76 31.34 32.07
N GLU B 1 -14.65 5.85 -11.14
CA GLU B 1 -15.87 6.09 -10.30
C GLU B 1 -16.08 4.96 -9.26
N VAL B 2 -15.43 3.80 -9.47
CA VAL B 2 -15.42 2.71 -8.48
C VAL B 2 -14.43 3.06 -7.37
N GLN B 3 -14.78 2.71 -6.14
CA GLN B 3 -13.89 2.95 -5.01
C GLN B 3 -13.97 1.79 -4.01
N LEU B 4 -12.86 1.52 -3.34
CA LEU B 4 -12.79 0.52 -2.30
C LEU B 4 -12.66 1.15 -0.93
N GLN B 5 -13.55 0.78 -0.02
CA GLN B 5 -13.49 1.30 1.30
C GLN B 5 -13.12 0.11 2.20
N GLN B 6 -12.08 0.26 3.02
CA GLN B 6 -11.69 -0.79 3.98
C GLN B 6 -12.10 -0.37 5.35
N SER B 7 -12.19 -1.33 6.28
CA SER B 7 -12.59 -1.00 7.63
C SER B 7 -11.43 -0.35 8.38
N GLY B 8 -11.74 0.23 9.54
CA GLY B 8 -10.78 0.96 10.35
C GLY B 8 -9.78 0.10 11.12
N PRO B 9 -8.80 0.76 11.75
CA PRO B 9 -7.71 0.08 12.43
C PRO B 9 -8.20 -0.81 13.55
N GLU B 10 -7.49 -1.89 13.84
CA GLU B 10 -7.83 -2.84 14.91
C GLU B 10 -6.64 -2.98 15.84
N LEU B 11 -6.91 -2.97 17.15
CA LEU B 11 -5.95 -3.42 18.15
C LEU B 11 -6.44 -4.77 18.60
N VAL B 12 -5.66 -5.84 18.41
CA VAL B 12 -6.12 -7.18 18.82
C VAL B 12 -5.14 -7.78 19.83
N LYS B 13 -5.64 -8.62 20.72
CA LYS B 13 -4.74 -9.30 21.64
C LYS B 13 -4.08 -10.48 20.95
N PRO B 14 -2.82 -10.76 21.25
CA PRO B 14 -2.28 -11.98 20.71
C PRO B 14 -3.19 -13.18 21.04
N GLY B 15 -3.27 -14.15 20.15
CA GLY B 15 -4.13 -15.32 20.32
C GLY B 15 -5.55 -15.14 19.78
N SER B 16 -5.99 -13.90 19.56
CA SER B 16 -7.39 -13.66 19.18
C SER B 16 -7.45 -13.64 17.72
N SER B 17 -8.54 -13.15 17.17
CA SER B 17 -8.66 -13.08 15.71
C SER B 17 -9.35 -11.80 15.35
N VAL B 18 -9.26 -11.42 14.10
CA VAL B 18 -9.97 -10.25 13.65
C VAL B 18 -10.44 -10.46 12.22
N LYS B 19 -11.39 -9.64 11.81
CA LYS B 19 -11.96 -9.74 10.50
C LYS B 19 -12.06 -8.36 9.93
N ILE B 20 -11.47 -8.19 8.76
CA ILE B 20 -11.55 -6.88 8.12
C ILE B 20 -12.31 -6.89 6.79
N SER B 21 -12.87 -5.76 6.47
CA SER B 21 -13.74 -5.67 5.34
C SER B 21 -13.23 -4.72 4.26
N CYS B 22 -13.68 -4.99 3.06
CA CYS B 22 -13.34 -4.23 1.91
C CYS B 22 -14.58 -4.18 1.06
N LYS B 23 -15.18 -3.02 0.96
CA LYS B 23 -16.45 -2.88 0.28
C LYS B 23 -16.19 -2.08 -1.03
N ALA B 24 -16.67 -2.63 -2.13
CA ALA B 24 -16.54 -2.06 -3.45
C ALA B 24 -17.81 -1.28 -3.75
N SER B 25 -17.67 0.00 -4.07
CA SER B 25 -18.82 0.92 -4.20
C SER B 25 -18.95 1.52 -5.58
N ARG B 26 -20.19 1.73 -6.04
CA ARG B 26 -20.46 2.31 -7.37
C ARG B 26 -19.79 1.48 -8.52
N ASN B 27 -19.39 0.25 -8.15
CA ASN B 27 -18.85 -0.74 -9.08
C ASN B 27 -19.87 -1.16 -10.16
N THR B 28 -19.41 -1.45 -11.37
CA THR B 28 -20.32 -2.03 -12.37
C THR B 28 -19.70 -3.20 -13.15
N PHE B 29 -18.62 -3.76 -12.65
CA PHE B 29 -17.99 -4.91 -13.31
C PHE B 29 -18.67 -6.19 -12.88
N THR B 30 -18.89 -7.08 -13.84
CA THR B 30 -19.26 -8.45 -13.50
C THR B 30 -18.03 -9.09 -12.83
N ASP B 31 -17.12 -9.67 -13.61
CA ASP B 31 -16.12 -10.49 -12.99
C ASP B 31 -14.76 -9.79 -12.86
N TYR B 32 -14.48 -9.33 -11.64
CA TYR B 32 -13.22 -8.73 -11.31
C TYR B 32 -12.54 -9.59 -10.26
N ASN B 33 -11.26 -9.34 -10.03
CA ASN B 33 -10.52 -10.11 -9.06
C ASN B 33 -10.19 -9.17 -7.96
N LEU B 34 -10.17 -9.70 -6.75
CA LEU B 34 -9.83 -8.94 -5.57
C LEU B 34 -8.63 -9.60 -4.92
N ASP B 35 -7.48 -8.95 -4.92
CA ASP B 35 -6.29 -9.49 -4.20
C ASP B 35 -6.23 -8.89 -2.79
N TRP B 36 -5.60 -9.61 -1.90
CA TRP B 36 -5.24 -9.08 -0.59
C TRP B 36 -3.72 -9.15 -0.44
N VAL B 37 -3.15 -8.07 0.09
CA VAL B 37 -1.74 -7.87 0.17
C VAL B 37 -1.44 -7.30 1.55
N LYS B 38 -0.34 -7.73 2.15
CA LYS B 38 0.11 -7.30 3.44
C LYS B 38 1.33 -6.47 3.25
N GLN B 39 1.46 -5.39 4.05
CA GLN B 39 2.68 -4.61 4.10
C GLN B 39 3.16 -4.50 5.53
N SER B 40 4.39 -4.94 5.74
CA SER B 40 5.00 -4.95 7.06
C SER B 40 5.98 -3.82 7.12
N HIS B 41 5.95 -3.13 8.28
CA HIS B 41 6.84 -2.00 8.58
CA HIS B 41 6.78 -1.96 8.58
C HIS B 41 7.21 -1.12 7.36
N GLY B 42 6.21 -0.51 6.72
CA GLY B 42 6.39 0.44 5.61
C GLY B 42 7.10 -0.01 4.32
N LYS B 43 7.38 -1.29 4.18
CA LYS B 43 8.20 -1.75 3.07
C LYS B 43 7.62 -3.01 2.44
N THR B 44 7.85 -4.19 3.03
CA THR B 44 7.81 -5.39 2.21
C THR B 44 6.38 -5.87 1.94
N LEU B 45 6.11 -6.11 0.66
CA LEU B 45 4.76 -6.48 0.21
C LEU B 45 4.62 -8.00 -0.01
N GLU B 46 3.58 -8.58 0.50
CA GLU B 46 3.31 -9.98 0.30
C GLU B 46 1.82 -10.16 -0.07
N TRP B 47 1.58 -11.02 -1.04
CA TRP B 47 0.30 -11.43 -1.50
C TRP B 47 -0.16 -12.53 -0.59
N ILE B 48 -1.40 -12.41 -0.16
CA ILE B 48 -2.05 -13.35 0.75
C ILE B 48 -2.97 -14.33 0.06
N GLY B 49 -3.88 -13.76 -0.75
CA GLY B 49 -4.83 -14.57 -1.54
C GLY B 49 -5.76 -13.69 -2.36
N ASN B 50 -6.69 -14.31 -3.07
CA ASN B 50 -7.64 -13.59 -3.88
C ASN B 50 -8.98 -14.25 -3.88
N VAL B 51 -10.00 -13.47 -4.23
CA VAL B 51 -11.36 -13.96 -4.46
C VAL B 51 -11.86 -13.29 -5.71
N TYR B 52 -12.54 -14.05 -6.55
CA TYR B 52 -13.38 -13.49 -7.61
C TYR B 52 -14.81 -13.33 -7.07
N PRO B 53 -15.26 -12.08 -6.79
CA PRO B 53 -16.45 -12.06 -5.93
C PRO B 53 -17.76 -12.51 -6.58
N ASN B 54 -17.81 -12.69 -7.90
CA ASN B 54 -19.10 -12.98 -8.54
C ASN B 54 -19.49 -14.45 -8.76
N ASN B 55 -18.54 -15.37 -8.80
CA ASN B 55 -18.86 -16.79 -8.49
C ASN B 55 -17.65 -17.51 -7.89
N GLY B 56 -17.68 -17.67 -6.55
CA GLY B 56 -16.84 -18.59 -5.74
C GLY B 56 -15.31 -18.54 -5.53
N VAL B 57 -14.54 -18.33 -6.59
CA VAL B 57 -13.19 -18.91 -6.64
C VAL B 57 -12.14 -18.17 -5.81
N THR B 58 -11.33 -18.96 -5.09
CA THR B 58 -10.53 -18.43 -3.99
C THR B 58 -9.16 -19.00 -4.03
N GLY B 59 -8.13 -18.14 -3.93
CA GLY B 59 -6.75 -18.57 -4.04
C GLY B 59 -6.01 -18.17 -2.78
N TYR B 60 -5.09 -19.01 -2.36
CA TYR B 60 -4.25 -18.64 -1.24
C TYR B 60 -2.74 -18.79 -1.57
N ASN B 61 -1.96 -17.92 -0.95
CA ASN B 61 -0.53 -18.13 -0.73
C ASN B 61 -0.41 -19.15 0.38
N GLN B 62 0.29 -20.22 0.10
CA GLN B 62 0.59 -21.27 1.03
C GLN B 62 0.99 -20.80 2.40
N LYS B 63 1.77 -19.75 2.42
CA LYS B 63 2.30 -19.22 3.64
C LYS B 63 1.19 -18.75 4.54
N PHE B 64 0.04 -18.35 4.02
CA PHE B 64 -1.07 -17.79 4.83
C PHE B 64 -2.25 -18.74 5.01
N ARG B 65 -2.17 -19.93 4.43
CA ARG B 65 -3.21 -20.91 4.72
C ARG B 65 -3.17 -21.17 6.16
N GLY B 66 -4.32 -21.28 6.81
CA GLY B 66 -4.30 -21.52 8.26
C GLY B 66 -4.27 -20.20 9.01
N LYS B 67 -4.08 -19.13 8.29
CA LYS B 67 -3.90 -17.85 8.88
C LYS B 67 -4.91 -16.84 8.35
N ALA B 68 -5.11 -16.80 7.04
CA ALA B 68 -6.20 -16.03 6.45
C ALA B 68 -7.26 -16.91 5.85
N THR B 69 -8.47 -16.39 5.93
CA THR B 69 -9.62 -16.97 5.29
C THR B 69 -10.35 -15.86 4.54
N LEU B 70 -10.56 -16.06 3.24
CA LEU B 70 -11.18 -15.10 2.34
C LEU B 70 -12.59 -15.52 1.96
N THR B 71 -13.54 -14.58 2.12
CA THR B 71 -14.94 -14.76 1.70
C THR B 71 -15.59 -13.50 1.19
N VAL B 72 -16.82 -13.61 0.72
CA VAL B 72 -17.46 -12.51 0.08
C VAL B 72 -18.92 -12.52 0.44
N ASP B 73 -19.46 -11.33 0.71
CA ASP B 73 -20.89 -11.16 0.75
C ASP B 73 -21.29 -10.43 -0.50
N LYS B 74 -21.76 -11.17 -1.47
CA LYS B 74 -21.99 -10.60 -2.75
C LYS B 74 -23.38 -9.93 -2.82
N SER B 75 -24.14 -9.95 -1.73
CA SER B 75 -25.38 -9.14 -1.66
CA SER B 75 -25.39 -9.15 -1.63
C SER B 75 -25.07 -7.67 -1.40
N SER B 76 -24.05 -7.40 -0.57
CA SER B 76 -23.59 -6.07 -0.24
C SER B 76 -22.19 -5.72 -0.83
N SER B 77 -21.73 -6.47 -1.83
CA SER B 77 -20.42 -6.21 -2.47
C SER B 77 -19.23 -6.05 -1.50
N THR B 78 -19.26 -6.78 -0.41
CA THR B 78 -18.24 -6.64 0.64
C THR B 78 -17.44 -7.93 0.72
N ALA B 79 -16.12 -7.83 0.81
CA ALA B 79 -15.23 -8.99 0.79
C ALA B 79 -14.55 -8.99 2.13
N TYR B 80 -14.28 -10.18 2.69
CA TYR B 80 -13.78 -10.24 4.08
C TYR B 80 -12.51 -10.95 4.20
N MET B 81 -11.65 -10.52 5.08
CA MET B 81 -10.48 -11.34 5.33
C MET B 81 -10.50 -11.65 6.81
N GLU B 82 -10.69 -12.92 7.14
CA GLU B 82 -10.52 -13.35 8.56
C GLU B 82 -9.05 -13.64 8.83
N LEU B 83 -8.55 -13.19 9.97
CA LEU B 83 -7.17 -13.47 10.37
C LEU B 83 -7.21 -14.19 11.67
N HIS B 84 -6.76 -15.45 11.64
CA HIS B 84 -6.83 -16.34 12.77
C HIS B 84 -5.56 -16.26 13.67
N SER B 85 -5.80 -16.30 14.97
CA SER B 85 -4.76 -16.69 15.90
C SER B 85 -3.56 -15.81 15.71
N LEU B 86 -3.74 -14.51 15.92
CA LEU B 86 -2.69 -13.55 15.63
C LEU B 86 -1.49 -13.52 16.60
N THR B 87 -0.36 -13.10 16.07
CA THR B 87 0.82 -12.85 16.82
C THR B 87 1.38 -11.51 16.36
N SER B 88 2.51 -11.12 16.95
CA SER B 88 3.13 -9.85 16.65
C SER B 88 3.55 -9.74 15.18
N GLU B 89 3.95 -10.82 14.51
CA GLU B 89 4.33 -10.66 13.09
C GLU B 89 3.14 -10.36 12.18
N ASP B 90 1.90 -10.48 12.68
CA ASP B 90 0.72 -10.13 11.89
C ASP B 90 0.35 -8.65 11.96
N SER B 91 1.06 -7.89 12.81
CA SER B 91 0.92 -6.45 12.85
C SER B 91 1.42 -5.89 11.48
N ALA B 92 0.57 -5.14 10.78
CA ALA B 92 0.88 -4.77 9.44
C ALA B 92 -0.27 -3.98 8.86
N VAL B 93 -0.07 -3.47 7.65
CA VAL B 93 -1.13 -2.77 6.98
C VAL B 93 -1.62 -3.79 5.96
N TYR B 94 -2.95 -3.93 5.89
CA TYR B 94 -3.55 -4.86 4.96
C TYR B 94 -4.41 -4.15 3.93
N TYR B 95 -4.24 -4.56 2.66
CA TYR B 95 -4.78 -3.88 1.51
C TYR B 95 -5.69 -4.81 0.73
N CYS B 96 -6.78 -4.31 0.18
CA CYS B 96 -7.48 -5.08 -0.83
C CYS B 96 -7.25 -4.34 -2.14
N ALA B 97 -7.24 -5.08 -3.23
CA ALA B 97 -6.90 -4.47 -4.48
C ALA B 97 -7.77 -5.10 -5.46
N LEU B 98 -8.48 -4.27 -6.22
CA LEU B 98 -9.36 -4.70 -7.27
C LEU B 98 -8.68 -4.61 -8.65
N TYR B 99 -8.90 -5.61 -9.49
CA TYR B 99 -8.37 -5.66 -10.83
C TYR B 99 -9.47 -6.10 -11.83
N TYR B 100 -9.52 -5.43 -12.96
CA TYR B 100 -10.38 -5.75 -14.06
C TYR B 100 -9.65 -5.26 -15.23
N TYR B 101 -8.98 -6.12 -15.98
CA TYR B 101 -8.20 -5.71 -17.18
C TYR B 101 -7.31 -4.48 -16.88
N ASP B 102 -7.52 -3.38 -17.57
CA ASP B 102 -6.72 -2.15 -17.42
C ASP B 102 -6.89 -1.53 -16.06
N VAL B 103 -8.04 -1.76 -15.43
CA VAL B 103 -8.40 -1.01 -14.25
C VAL B 103 -7.98 -1.75 -12.96
N SER B 104 -7.56 -0.94 -11.99
CA SER B 104 -6.99 -1.36 -10.77
C SER B 104 -7.37 -0.34 -9.71
N TYR B 105 -7.81 -0.76 -8.54
CA TYR B 105 -8.01 0.18 -7.44
C TYR B 105 -7.51 -0.45 -6.20
N TRP B 106 -6.83 0.33 -5.37
CA TRP B 106 -6.42 -0.14 -4.05
C TRP B 106 -7.09 0.59 -2.95
N GLY B 107 -7.55 -0.17 -1.98
CA GLY B 107 -8.02 0.36 -0.72
C GLY B 107 -6.93 1.13 0.05
N GLN B 108 -7.37 1.96 0.99
CA GLN B 108 -6.47 2.81 1.74
C GLN B 108 -5.80 2.03 2.87
N GLY B 109 -6.09 0.74 3.01
CA GLY B 109 -5.40 -0.11 3.95
C GLY B 109 -5.99 -0.10 5.34
N THR B 110 -5.81 -1.22 6.03
CA THR B 110 -6.30 -1.35 7.38
C THR B 110 -5.14 -1.71 8.25
N LEU B 111 -4.85 -0.85 9.23
CA LEU B 111 -3.78 -1.08 10.22
C LEU B 111 -4.24 -1.98 11.37
N VAL B 112 -3.63 -3.17 11.43
CA VAL B 112 -3.77 -4.13 12.49
C VAL B 112 -2.52 -4.12 13.39
N THR B 113 -2.74 -3.92 14.67
CA THR B 113 -1.69 -3.87 15.66
C THR B 113 -2.04 -4.99 16.61
N VAL B 114 -1.09 -5.87 16.83
CA VAL B 114 -1.33 -7.00 17.67
C VAL B 114 -0.50 -6.79 18.90
N SER B 115 -1.15 -6.70 20.05
CA SER B 115 -0.51 -6.27 21.26
C SER B 115 -1.40 -6.56 22.44
N SER B 116 -0.79 -6.74 23.61
CA SER B 116 -1.56 -6.96 24.84
C SER B 116 -1.77 -5.65 25.60
N ALA B 117 -1.21 -4.58 25.04
CA ALA B 117 -1.38 -3.20 25.53
C ALA B 117 -2.83 -2.78 25.52
N LYS B 118 -3.11 -1.64 26.16
CA LYS B 118 -4.45 -1.14 26.33
C LYS B 118 -4.59 0.18 25.59
N THR B 119 -5.68 0.31 24.83
CA THR B 119 -6.05 1.56 24.17
C THR B 119 -5.87 2.67 25.20
N THR B 120 -5.14 3.71 24.83
CA THR B 120 -4.95 4.90 25.64
C THR B 120 -5.17 6.12 24.73
N PRO B 121 -5.91 7.13 25.22
CA PRO B 121 -5.98 8.27 24.31
C PRO B 121 -4.78 9.21 24.43
N PRO B 122 -4.51 10.00 23.38
CA PRO B 122 -3.48 11.02 23.45
C PRO B 122 -3.93 12.21 24.27
N SER B 123 -2.96 13.04 24.61
CA SER B 123 -3.19 14.37 25.14
C SER B 123 -2.69 15.31 24.06
N VAL B 124 -3.44 16.36 23.76
CA VAL B 124 -2.99 17.31 22.75
C VAL B 124 -2.56 18.61 23.39
N TYR B 125 -1.34 19.02 23.11
CA TYR B 125 -0.81 20.27 23.61
C TYR B 125 -0.46 21.17 22.43
N PRO B 126 -0.87 22.45 22.50
CA PRO B 126 -0.57 23.43 21.44
C PRO B 126 0.84 24.01 21.57
N LEU B 127 1.44 24.35 20.43
CA LEU B 127 2.79 24.88 20.39
C LEU B 127 2.67 26.33 19.87
N ALA B 128 2.69 27.28 20.80
CA ALA B 128 2.74 28.69 20.47
C ALA B 128 4.13 29.16 20.85
N PRO B 129 4.70 30.12 20.07
CA PRO B 129 6.04 30.69 20.28
C PRO B 129 6.37 31.07 21.74
N SER B 137 5.67 35.07 7.59
CA SER B 137 5.15 33.81 8.09
C SER B 137 5.72 33.42 9.46
N VAL B 138 4.90 32.73 10.25
CA VAL B 138 5.32 32.19 11.55
C VAL B 138 4.83 30.74 11.70
N THR B 139 5.46 29.98 12.59
CA THR B 139 5.22 28.53 12.73
C THR B 139 4.59 28.15 14.06
N LEU B 140 3.50 27.38 13.98
CA LEU B 140 2.83 26.83 15.16
C LEU B 140 2.88 25.32 15.11
N GLY B 141 2.46 24.65 16.19
CA GLY B 141 2.35 23.20 16.16
C GLY B 141 1.36 22.55 17.10
N CYS B 142 1.24 21.23 16.97
CA CYS B 142 0.56 20.39 17.94
C CYS B 142 1.41 19.17 18.33
N LEU B 143 1.40 18.88 19.63
CA LEU B 143 2.12 17.75 20.16
C LEU B 143 1.08 16.73 20.60
N VAL B 144 1.14 15.54 20.02
CA VAL B 144 0.16 14.51 20.27
C VAL B 144 0.88 13.39 20.96
N LYS B 145 0.72 13.29 22.28
CA LYS B 145 1.65 12.52 23.07
C LYS B 145 0.94 11.49 23.90
N GLY B 146 1.57 10.32 24.00
CA GLY B 146 1.13 9.27 24.89
C GLY B 146 -0.14 8.59 24.42
N TYR B 147 -0.12 8.03 23.20
CA TYR B 147 -1.24 7.23 22.72
C TYR B 147 -0.86 5.85 22.23
N PHE B 148 -1.87 4.99 22.19
CA PHE B 148 -1.74 3.65 21.67
C PHE B 148 -3.13 3.24 21.28
N PRO B 149 -3.30 2.61 20.08
CA PRO B 149 -2.31 2.35 19.07
C PRO B 149 -2.33 3.42 18.01
N GLU B 150 -1.46 3.30 17.01
CA GLU B 150 -1.62 4.05 15.77
C GLU B 150 -2.93 3.61 15.10
N PRO B 151 -3.42 4.40 14.16
CA PRO B 151 -2.98 5.74 13.80
C PRO B 151 -3.78 6.81 14.52
N VAL B 152 -3.25 8.03 14.49
CA VAL B 152 -4.00 9.25 14.71
C VAL B 152 -3.86 10.09 13.44
N THR B 153 -4.93 10.79 13.06
CA THR B 153 -4.82 11.74 11.97
C THR B 153 -4.92 13.13 12.57
N VAL B 154 -4.13 14.03 12.01
CA VAL B 154 -4.07 15.42 12.44
C VAL B 154 -4.45 16.31 11.28
N THR B 155 -5.49 17.14 11.47
CA THR B 155 -5.87 18.16 10.49
C THR B 155 -5.64 19.53 11.10
N TRP B 156 -5.70 20.56 10.27
CA TRP B 156 -5.70 21.93 10.76
C TRP B 156 -6.89 22.66 10.18
N ASN B 157 -7.66 23.31 11.06
CA ASN B 157 -8.92 23.95 10.70
C ASN B 157 -9.77 23.04 9.82
N SER B 158 -9.75 21.76 10.17
CA SER B 158 -10.47 20.69 9.47
C SER B 158 -10.03 20.39 8.02
N GLY B 159 -8.83 20.82 7.63
CA GLY B 159 -8.36 20.62 6.26
C GLY B 159 -8.30 21.89 5.42
N SER B 160 -8.93 22.96 5.91
CA SER B 160 -8.77 24.30 5.34
C SER B 160 -7.31 24.77 5.35
N LEU B 161 -6.53 24.23 6.28
CA LEU B 161 -5.08 24.51 6.35
C LEU B 161 -4.25 23.33 5.89
N SER B 162 -3.83 23.35 4.61
CA SER B 162 -3.05 22.26 3.99
C SER B 162 -1.64 22.70 3.59
N SER B 163 -1.52 23.92 3.09
CA SER B 163 -0.23 24.52 2.79
C SER B 163 0.62 24.75 4.05
N GLY B 164 1.83 24.20 4.04
CA GLY B 164 2.80 24.41 5.09
C GLY B 164 2.55 23.54 6.29
N VAL B 165 1.85 22.43 6.07
CA VAL B 165 1.67 21.46 7.13
C VAL B 165 2.80 20.44 7.04
N HIS B 166 3.42 20.14 8.18
CA HIS B 166 4.24 18.94 8.30
C HIS B 166 3.69 18.16 9.46
N THR B 167 3.37 16.92 9.19
CA THR B 167 3.02 15.99 10.21
C THR B 167 4.08 14.89 10.23
N PHE B 168 4.70 14.71 11.38
CA PHE B 168 5.84 13.82 11.51
C PHE B 168 5.41 12.42 11.92
N PRO B 169 6.05 11.39 11.35
CA PRO B 169 5.64 10.04 11.76
C PRO B 169 5.76 9.85 13.27
N ALA B 170 4.87 9.06 13.81
CA ALA B 170 4.89 8.79 15.22
C ALA B 170 6.14 7.95 15.51
N VAL B 171 6.68 8.07 16.71
CA VAL B 171 7.68 7.12 17.17
C VAL B 171 7.33 6.73 18.60
N LEU B 172 7.85 5.57 19.02
CA LEU B 172 7.32 4.83 20.18
C LEU B 172 8.26 4.94 21.38
N GLN B 173 7.74 5.37 22.52
CA GLN B 173 8.51 5.49 23.76
C GLN B 173 7.76 4.81 24.88
N SER B 174 8.16 3.57 25.19
CA SER B 174 7.68 2.87 26.38
C SER B 174 6.20 2.53 26.23
N ASP B 175 5.90 1.80 25.15
CA ASP B 175 4.51 1.41 24.78
C ASP B 175 3.64 2.57 24.39
N LEU B 176 4.19 3.77 24.26
CA LEU B 176 3.32 4.88 23.92
C LEU B 176 3.86 5.63 22.71
N TYR B 177 2.97 5.99 21.78
CA TYR B 177 3.35 6.77 20.62
C TYR B 177 3.33 8.29 20.90
N THR B 178 4.24 9.03 20.27
CA THR B 178 4.16 10.49 20.24
C THR B 178 4.39 10.98 18.82
N LEU B 179 3.49 11.84 18.33
CA LEU B 179 3.74 12.57 17.09
C LEU B 179 3.47 14.08 17.19
N SER B 180 3.96 14.79 16.20
CA SER B 180 3.87 16.22 16.20
C SER B 180 3.46 16.61 14.81
N SER B 181 2.88 17.80 14.73
CA SER B 181 2.56 18.41 13.47
C SER B 181 2.83 19.90 13.64
N SER B 182 3.34 20.50 12.57
CA SER B 182 3.72 21.89 12.56
C SER B 182 3.06 22.52 11.33
N VAL B 183 2.77 23.80 11.45
CA VAL B 183 2.09 24.57 10.43
C VAL B 183 2.68 25.97 10.36
N THR B 184 3.02 26.40 9.15
CA THR B 184 3.41 27.79 8.90
C THR B 184 2.24 28.58 8.25
N VAL B 185 1.98 29.76 8.80
CA VAL B 185 0.90 30.62 8.36
C VAL B 185 1.46 32.02 8.32
N PRO B 186 0.82 32.92 7.53
CA PRO B 186 1.36 34.27 7.38
C PRO B 186 1.51 34.97 8.72
N SER B 187 2.62 35.68 8.90
CA SER B 187 2.87 36.46 10.12
C SER B 187 1.56 37.07 10.63
N SER B 188 0.78 37.64 9.71
CA SER B 188 -0.37 38.47 10.03
C SER B 188 -1.72 37.74 10.19
N THR B 189 -1.85 36.49 9.75
CA THR B 189 -3.12 35.76 9.98
C THR B 189 -3.25 35.28 11.43
N TRP B 190 -2.15 35.32 12.18
CA TRP B 190 -2.14 34.82 13.56
C TRP B 190 -1.51 35.84 14.52
N PRO B 191 -2.10 36.04 15.72
CA PRO B 191 -3.32 35.40 16.26
C PRO B 191 -4.65 35.83 15.64
N SER B 192 -4.63 36.90 14.82
CA SER B 192 -5.86 37.48 14.24
C SER B 192 -6.95 36.47 13.80
N GLN B 193 -6.52 35.38 13.16
CA GLN B 193 -7.44 34.31 12.72
C GLN B 193 -7.29 33.06 13.60
N SER B 194 -8.36 32.29 13.69
CA SER B 194 -8.48 31.18 14.65
C SER B 194 -7.74 29.93 14.19
N VAL B 195 -6.69 29.52 14.90
CA VAL B 195 -5.95 28.31 14.52
C VAL B 195 -6.21 27.12 15.43
N THR B 196 -6.81 26.10 14.84
CA THR B 196 -7.14 24.86 15.52
C THR B 196 -6.40 23.71 14.83
N CYS B 197 -5.94 22.78 15.65
CA CYS B 197 -5.49 21.52 15.15
C CYS B 197 -6.49 20.46 15.65
N ASN B 198 -6.94 19.61 14.73
CA ASN B 198 -7.93 18.59 15.05
C ASN B 198 -7.28 17.21 14.96
N VAL B 199 -7.38 16.46 16.04
CA VAL B 199 -6.74 15.18 16.16
C VAL B 199 -7.80 14.14 16.40
N ALA B 200 -7.72 13.04 15.66
CA ALA B 200 -8.65 11.94 15.82
C ALA B 200 -7.88 10.66 16.12
N HIS B 201 -8.29 9.96 17.18
CA HIS B 201 -7.74 8.64 17.55
C HIS B 201 -8.86 7.61 17.37
N PRO B 202 -8.93 6.99 16.16
CA PRO B 202 -10.09 6.15 15.83
C PRO B 202 -10.32 4.93 16.75
N ALA B 203 -9.29 4.49 17.46
CA ALA B 203 -9.39 3.33 18.37
C ALA B 203 -10.19 3.64 19.62
N SER B 204 -9.83 4.74 20.30
CA SER B 204 -10.55 5.20 21.48
C SER B 204 -11.81 5.95 21.09
N SER B 205 -11.83 6.51 19.88
CA SER B 205 -12.95 7.31 19.39
C SER B 205 -13.02 8.61 20.19
N THR B 206 -11.85 9.21 20.36
CA THR B 206 -11.74 10.59 20.79
C THR B 206 -11.47 11.44 19.53
N ALA B 207 -12.00 12.66 19.53
CA ALA B 207 -11.68 13.69 18.52
C ALA B 207 -11.39 14.98 19.28
N VAL B 208 -10.21 15.58 19.12
CA VAL B 208 -9.81 16.70 19.98
C VAL B 208 -9.41 17.90 19.15
N ASP B 209 -10.12 18.99 19.39
CA ASP B 209 -9.84 20.25 18.72
C ASP B 209 -9.21 21.16 19.75
N LYS B 210 -7.91 21.34 19.65
CA LYS B 210 -7.20 22.29 20.50
C LYS B 210 -6.86 23.54 19.69
N LYS B 211 -7.37 24.68 20.14
CA LYS B 211 -7.02 25.98 19.59
C LYS B 211 -5.61 26.42 20.03
N ILE B 212 -4.82 26.94 19.09
CA ILE B 212 -3.54 27.57 19.39
C ILE B 212 -3.83 29.04 19.74
N ALA B 213 -3.60 29.43 20.99
CA ALA B 213 -3.69 30.86 21.44
C ALA B 213 -2.28 31.32 21.85
N PRO B 214 -1.99 32.61 21.73
CA PRO B 214 -0.58 32.96 21.92
C PRO B 214 -0.18 32.81 23.40
N ALA B 215 1.00 32.23 23.65
CA ALA B 215 1.47 31.98 25.04
C ALA B 215 2.12 33.22 25.61
N LEU C 7 -28.62 -38.75 -26.59
CA LEU C 7 -27.23 -38.78 -26.01
C LEU C 7 -26.43 -40.02 -26.40
N GLY C 8 -27.12 -41.14 -26.67
CA GLY C 8 -26.53 -42.34 -27.33
C GLY C 8 -25.87 -42.16 -28.70
N VAL C 9 -26.17 -41.06 -29.43
CA VAL C 9 -25.38 -40.71 -30.62
C VAL C 9 -23.97 -40.22 -30.35
N TYR C 10 -23.64 -39.84 -29.11
CA TYR C 10 -22.30 -39.25 -28.87
C TYR C 10 -21.31 -40.26 -28.46
N MET C 11 -20.09 -40.07 -28.92
CA MET C 11 -18.93 -40.66 -28.29
C MET C 11 -18.42 -39.72 -27.17
N LEU C 12 -17.84 -40.34 -26.13
CA LEU C 12 -17.10 -39.65 -25.06
C LEU C 12 -15.64 -40.07 -24.97
N GLY C 13 -14.74 -39.11 -25.10
CA GLY C 13 -13.30 -39.36 -25.05
C GLY C 13 -12.76 -39.47 -23.66
N SER C 14 -11.59 -40.07 -23.53
CA SER C 14 -10.99 -40.23 -22.20
C SER C 14 -10.38 -38.91 -21.80
N ALA C 15 -10.01 -38.81 -20.54
CA ALA C 15 -9.45 -37.59 -19.96
C ALA C 15 -8.17 -37.15 -20.66
N MET C 16 -7.97 -35.85 -20.67
CA MET C 16 -6.69 -35.29 -21.08
C MET C 16 -6.24 -34.16 -20.17
N SER C 17 -4.95 -33.90 -20.14
CA SER C 17 -4.45 -32.72 -19.43
C SER C 17 -4.99 -31.46 -20.08
N ARG C 18 -5.57 -30.56 -19.31
CA ARG C 18 -6.06 -29.32 -19.91
C ARG C 18 -4.91 -28.43 -20.30
N PRO C 19 -4.89 -27.91 -21.51
CA PRO C 19 -3.71 -27.10 -21.81
C PRO C 19 -3.78 -25.68 -21.23
N ILE C 20 -2.63 -25.02 -21.18
CA ILE C 20 -2.59 -23.61 -20.80
C ILE C 20 -2.89 -22.82 -22.03
N ILE C 21 -3.78 -21.84 -21.97
CA ILE C 21 -4.11 -20.99 -23.11
C ILE C 21 -3.58 -19.56 -22.81
N HIS C 22 -3.10 -18.84 -23.82
CA HIS C 22 -2.61 -17.45 -23.66
C HIS C 22 -3.52 -16.45 -24.37
N PHE C 23 -3.81 -15.33 -23.75
CA PHE C 23 -4.89 -14.46 -24.23
C PHE C 23 -4.45 -13.10 -24.62
N GLY C 24 -3.23 -12.68 -24.35
CA GLY C 24 -2.86 -11.31 -24.80
C GLY C 24 -2.94 -10.31 -23.67
N SER C 25 -3.21 -10.73 -22.45
CA SER C 25 -3.14 -9.79 -21.33
C SER C 25 -2.89 -10.59 -20.10
N ASP C 26 -2.22 -10.06 -19.11
CA ASP C 26 -1.99 -10.84 -17.95
C ASP C 26 -3.24 -11.17 -17.18
N TYR C 27 -4.17 -10.22 -17.12
CA TYR C 27 -5.45 -10.41 -16.41
C TYR C 27 -6.17 -11.67 -16.87
N GLU C 28 -6.19 -11.90 -18.17
CA GLU C 28 -6.90 -13.05 -18.73
C GLU C 28 -6.14 -14.33 -18.55
N ASP C 29 -4.83 -14.24 -18.72
CA ASP C 29 -3.94 -15.41 -18.44
C ASP C 29 -4.04 -15.90 -17.01
N ARG C 30 -4.15 -15.00 -16.06
CA ARG C 30 -4.22 -15.37 -14.65
C ARG C 30 -5.61 -15.95 -14.37
N TYR C 31 -6.64 -15.33 -14.92
CA TYR C 31 -8.00 -15.80 -14.77
C TYR C 31 -8.12 -17.23 -15.20
N TYR C 32 -7.58 -17.50 -16.38
CA TYR C 32 -7.76 -18.79 -16.99
C TYR C 32 -7.09 -19.81 -16.10
N ARG C 33 -5.89 -19.51 -15.70
CA ARG C 33 -5.14 -20.49 -14.98
C ARG C 33 -5.78 -20.70 -13.59
N GLU C 34 -6.36 -19.66 -13.06
CA GLU C 34 -7.05 -19.82 -11.78
C GLU C 34 -8.48 -20.49 -11.85
N ASN C 35 -9.08 -20.51 -13.00
CA ASN C 35 -10.40 -21.06 -13.14
C ASN C 35 -10.49 -22.35 -13.91
N MET C 36 -9.38 -22.84 -14.42
CA MET C 36 -9.40 -23.84 -15.47
C MET C 36 -9.87 -25.21 -14.99
N HIS C 37 -9.72 -25.48 -13.69
CA HIS C 37 -10.19 -26.72 -13.03
C HIS C 37 -11.73 -26.87 -13.05
N ARG C 38 -12.42 -25.76 -13.34
CA ARG C 38 -13.83 -25.71 -13.46
C ARG C 38 -14.26 -26.08 -14.90
N TYR C 39 -13.30 -26.18 -15.83
CA TYR C 39 -13.63 -26.48 -17.18
C TYR C 39 -13.44 -27.99 -17.46
N PRO C 40 -14.01 -28.50 -18.56
CA PRO C 40 -13.91 -29.94 -18.89
C PRO C 40 -12.49 -30.46 -19.12
N ASN C 41 -12.29 -31.74 -18.83
CA ASN C 41 -11.08 -32.43 -19.24
C ASN C 41 -11.34 -33.68 -20.10
N GLN C 42 -12.58 -33.77 -20.64
CA GLN C 42 -12.92 -34.72 -21.68
C GLN C 42 -13.95 -34.14 -22.63
N VAL C 43 -13.94 -34.61 -23.85
CA VAL C 43 -14.87 -34.08 -24.81
C VAL C 43 -15.93 -35.08 -25.35
N TYR C 44 -17.10 -34.55 -25.70
CA TYR C 44 -18.10 -35.28 -26.40
C TYR C 44 -17.98 -34.97 -27.85
N TYR C 45 -18.06 -36.04 -28.63
CA TYR C 45 -18.09 -35.90 -30.08
C TYR C 45 -19.01 -36.90 -30.81
N ARG C 46 -19.35 -36.55 -32.05
CA ARG C 46 -20.02 -37.43 -32.96
C ARG C 46 -18.97 -38.30 -33.64
N PRO C 47 -19.30 -39.55 -34.04
CA PRO C 47 -18.29 -40.35 -34.74
C PRO C 47 -17.59 -39.69 -35.96
N MET C 48 -16.34 -40.06 -36.17
CA MET C 48 -15.50 -39.54 -37.24
C MET C 48 -16.04 -39.75 -38.60
N ASP C 49 -16.81 -40.82 -38.82
CA ASP C 49 -17.27 -41.22 -40.16
C ASP C 49 -18.40 -40.32 -40.69
N GLU C 50 -18.84 -39.36 -39.89
CA GLU C 50 -19.76 -38.28 -40.29
C GLU C 50 -19.05 -37.04 -40.75
N TYR C 51 -17.73 -36.97 -40.72
CA TYR C 51 -17.07 -35.72 -41.02
C TYR C 51 -16.15 -35.78 -42.21
N SER C 52 -16.19 -34.74 -43.01
CA SER C 52 -15.33 -34.65 -44.17
C SER C 52 -13.99 -34.09 -43.80
N ASN C 53 -14.01 -33.05 -42.96
CA ASN C 53 -12.84 -32.33 -42.55
C ASN C 53 -12.80 -32.11 -41.02
N GLN C 54 -11.59 -31.77 -40.58
CA GLN C 54 -11.29 -31.50 -39.23
C GLN C 54 -12.10 -30.33 -38.64
N ASN C 55 -12.17 -29.19 -39.31
CA ASN C 55 -12.89 -28.03 -38.72
C ASN C 55 -14.34 -28.34 -38.39
N ASN C 56 -15.02 -29.16 -39.18
CA ASN C 56 -16.42 -29.43 -38.88
C ASN C 56 -16.54 -30.29 -37.65
N PHE C 57 -15.61 -31.22 -37.46
CA PHE C 57 -15.64 -32.09 -36.30
C PHE C 57 -15.37 -31.24 -35.08
N VAL C 58 -14.40 -30.35 -35.21
CA VAL C 58 -14.02 -29.52 -34.08
C VAL C 58 -15.22 -28.62 -33.69
N HIS C 59 -15.85 -27.98 -34.66
CA HIS C 59 -17.01 -27.13 -34.35
C HIS C 59 -18.12 -27.88 -33.58
N ASP C 60 -18.52 -29.07 -34.04
CA ASP C 60 -19.54 -29.83 -33.27
C ASP C 60 -19.12 -30.32 -31.90
N CYS C 61 -17.91 -30.84 -31.82
CA CYS C 61 -17.31 -31.29 -30.54
C CYS C 61 -17.31 -30.15 -29.53
N VAL C 62 -16.92 -28.97 -29.99
CA VAL C 62 -16.99 -27.79 -29.14
C VAL C 62 -18.41 -27.57 -28.60
N ASN C 63 -19.43 -27.56 -29.45
CA ASN C 63 -20.78 -27.18 -29.02
C ASN C 63 -21.41 -28.26 -28.15
N ILE C 64 -21.26 -29.51 -28.55
CA ILE C 64 -21.76 -30.60 -27.74
C ILE C 64 -21.13 -30.55 -26.32
N THR C 65 -19.82 -30.38 -26.27
CA THR C 65 -19.09 -30.46 -25.00
C THR C 65 -19.47 -29.31 -24.03
N ILE C 66 -19.52 -28.08 -24.56
CA ILE C 66 -19.90 -26.90 -23.77
C ILE C 66 -21.28 -27.14 -23.17
N LYS C 67 -22.20 -27.60 -24.01
CA LYS C 67 -23.59 -27.80 -23.68
C LYS C 67 -23.75 -28.79 -22.53
N GLN C 68 -23.22 -29.99 -22.67
CA GLN C 68 -23.28 -30.97 -21.59
C GLN C 68 -22.63 -30.53 -20.35
N HIS C 69 -21.55 -29.78 -20.48
CA HIS C 69 -20.80 -29.38 -19.30
C HIS C 69 -21.59 -28.32 -18.54
N THR C 70 -22.27 -27.41 -19.27
CA THR C 70 -23.11 -26.37 -18.65
C THR C 70 -24.42 -26.92 -18.03
N VAL C 71 -24.90 -28.07 -18.48
CA VAL C 71 -26.07 -28.68 -17.84
C VAL C 71 -25.61 -29.49 -16.61
N THR C 72 -24.58 -30.33 -16.77
CA THR C 72 -24.05 -31.13 -15.65
C THR C 72 -23.75 -30.26 -14.40
N THR C 73 -23.10 -29.12 -14.62
CA THR C 73 -22.55 -28.30 -13.52
C THR C 73 -23.52 -27.22 -12.97
N THR C 74 -24.64 -26.98 -13.65
CA THR C 74 -25.68 -26.12 -13.08
C THR C 74 -26.71 -26.93 -12.25
N THR C 75 -26.61 -28.26 -12.28
CA THR C 75 -27.26 -29.12 -11.27
C THR C 75 -26.40 -29.13 -10.01
N LYS C 76 -25.06 -29.14 -10.20
CA LYS C 76 -24.11 -28.96 -9.09
C LYS C 76 -24.48 -27.72 -8.30
N GLY C 77 -24.66 -26.61 -9.01
CA GLY C 77 -24.86 -25.30 -8.41
C GLY C 77 -23.79 -24.30 -8.80
N GLU C 78 -23.05 -24.61 -9.86
CA GLU C 78 -22.09 -23.68 -10.49
C GLU C 78 -22.85 -22.67 -11.35
N ASN C 79 -22.22 -21.53 -11.60
CA ASN C 79 -22.67 -20.59 -12.62
C ASN C 79 -21.44 -20.19 -13.40
N PHE C 80 -21.64 -19.83 -14.67
CA PHE C 80 -20.58 -19.37 -15.55
C PHE C 80 -20.82 -17.94 -16.00
N THR C 81 -19.83 -17.08 -15.85
CA THR C 81 -19.92 -15.77 -16.47
C THR C 81 -19.74 -15.95 -17.95
N GLU C 82 -19.78 -14.88 -18.70
CA GLU C 82 -19.57 -15.00 -20.14
C GLU C 82 -18.08 -15.02 -20.45
N THR C 83 -17.26 -14.44 -19.55
CA THR C 83 -15.80 -14.67 -19.57
C THR C 83 -15.45 -16.16 -19.50
N ASP C 84 -16.13 -16.91 -18.64
CA ASP C 84 -15.99 -18.35 -18.60
C ASP C 84 -16.43 -19.08 -19.84
N VAL C 85 -17.52 -18.66 -20.50
CA VAL C 85 -17.93 -19.43 -21.69
C VAL C 85 -16.95 -19.20 -22.84
N LYS C 86 -16.51 -17.96 -23.05
CA LYS C 86 -15.43 -17.70 -24.00
C LYS C 86 -14.15 -18.50 -23.76
N MET C 87 -13.72 -18.55 -22.51
CA MET C 87 -12.55 -19.33 -22.18
C MET C 87 -12.71 -20.82 -22.35
N MET C 88 -13.86 -21.35 -21.96
CA MET C 88 -14.17 -22.75 -22.28
C MET C 88 -14.11 -22.96 -23.79
N GLU C 89 -14.66 -22.04 -24.55
CA GLU C 89 -14.63 -22.11 -26.02
C GLU C 89 -13.23 -22.31 -26.54
N ARG C 90 -12.28 -21.63 -25.93
CA ARG C 90 -10.94 -21.74 -26.43
C ARG C 90 -10.26 -23.05 -25.98
N VAL C 91 -10.42 -23.44 -24.71
CA VAL C 91 -9.73 -24.62 -24.24
C VAL C 91 -10.39 -25.87 -24.87
N VAL C 92 -11.72 -25.88 -25.01
CA VAL C 92 -12.43 -27.03 -25.59
C VAL C 92 -12.08 -27.18 -27.09
N GLU C 93 -11.97 -26.08 -27.84
CA GLU C 93 -11.48 -26.18 -29.19
C GLU C 93 -10.16 -26.99 -29.26
N GLN C 94 -9.15 -26.58 -28.47
CA GLN C 94 -7.86 -27.28 -28.43
C GLN C 94 -8.04 -28.75 -28.11
N MET C 95 -8.84 -29.00 -27.10
CA MET C 95 -9.13 -30.36 -26.70
C MET C 95 -9.80 -31.17 -27.81
N CYS C 96 -10.77 -30.60 -28.51
CA CYS C 96 -11.46 -31.26 -29.62
C CYS C 96 -10.45 -31.54 -30.68
N ILE C 97 -9.49 -30.64 -30.87
CA ILE C 97 -8.43 -30.87 -31.87
C ILE C 97 -7.59 -32.09 -31.47
N THR C 98 -7.27 -32.20 -30.17
CA THR C 98 -6.45 -33.30 -29.72
C THR C 98 -7.22 -34.61 -29.84
N GLN C 99 -8.52 -34.55 -29.57
CA GLN C 99 -9.34 -35.73 -29.68
C GLN C 99 -9.43 -36.23 -31.13
N TYR C 100 -9.45 -35.28 -32.08
CA TYR C 100 -9.44 -35.61 -33.48
C TYR C 100 -8.14 -36.32 -33.85
N GLU C 101 -7.00 -35.82 -33.37
CA GLU C 101 -5.70 -36.46 -33.62
C GLU C 101 -5.52 -37.81 -32.92
N ARG C 102 -6.21 -38.02 -31.81
CA ARG C 102 -6.23 -39.33 -31.17
C ARG C 102 -6.93 -40.35 -32.05
N GLU C 103 -8.14 -39.97 -32.47
CA GLU C 103 -8.98 -40.82 -33.31
C GLU C 103 -8.30 -41.18 -34.64
N SER C 104 -7.62 -40.22 -35.29
CA SER C 104 -7.16 -40.45 -36.66
C SER C 104 -5.71 -40.89 -36.84
N GLN C 105 -4.84 -40.61 -35.89
CA GLN C 105 -3.44 -40.97 -36.01
C GLN C 105 -3.09 -42.09 -35.03
N ALA C 106 -3.40 -41.86 -33.76
CA ALA C 106 -2.98 -42.73 -32.61
C ALA C 106 -3.82 -44.02 -32.39
N TYR C 107 -5.12 -43.96 -32.74
CA TYR C 107 -5.98 -45.14 -32.69
C TYR C 107 -6.27 -45.52 -34.14
S SO4 D . -8.89 -24.07 1.01
O1 SO4 D . -9.02 -24.19 -0.44
O2 SO4 D . -8.14 -22.90 1.45
O3 SO4 D . -10.27 -23.92 1.57
O4 SO4 D . -8.05 -25.19 1.42
#